data_5Y38
#
_entry.id   5Y38
#
_cell.length_a   58.541
_cell.length_b   58.541
_cell.length_c   90.012
_cell.angle_alpha   90.000
_cell.angle_beta   90.000
_cell.angle_gamma   120.000
#
_symmetry.space_group_name_H-M   'P 32 2 1'
#
loop_
_entity.id
_entity.type
_entity.pdbx_description
1 polymer 'Ragulator complex protein LAMTOR5'
2 polymer 'Ragulator complex protein LAMTOR4'
3 non-polymer 'SULFATE ION'
4 water water
#
loop_
_entity_poly.entity_id
_entity_poly.type
_entity_poly.pdbx_seq_one_letter_code
_entity_poly.pdbx_strand_id
1 'polypeptide(L)'
;MEATLEQHLEDTMKNPSIVGVLCTDSQGLNLGCRGTLSDEHAGVISVLAQQAAKLTSDPTDIPVVCLESDNGNIMIQKHD
GITVAVHKMAS
;
A
2 'polypeptide(L)'
;MGMTSALTQGLERIPDQLGYLVLSEGAVLASSGDLENDEQAASAISELVSTACGFRLHRGMNVPFKRLSVVFGEHTLLVT
VSGQRVFVVKRQNRGREPIDVLEHHHHHH
;
B
#
loop_
_chem_comp.id
_chem_comp.type
_chem_comp.name
_chem_comp.formula
SO4 non-polymer 'SULFATE ION' 'O4 S -2'
#
# COMPACT_ATOMS: atom_id res chain seq x y z
N GLN A 7 -20.64 8.96 5.05
CA GLN A 7 -19.46 9.86 5.01
C GLN A 7 -19.13 10.28 3.57
N HIS A 8 -17.85 10.52 3.30
CA HIS A 8 -17.39 10.67 1.91
C HIS A 8 -17.58 9.32 1.27
N LEU A 9 -17.57 8.30 2.13
CA LEU A 9 -17.80 6.91 1.76
C LEU A 9 -18.92 6.73 0.74
N GLU A 10 -20.10 7.27 1.07
CA GLU A 10 -21.25 7.24 0.16
C GLU A 10 -20.85 7.79 -1.21
N ASP A 11 -20.12 8.89 -1.23
CA ASP A 11 -19.72 9.53 -2.49
C ASP A 11 -18.75 8.66 -3.27
N THR A 12 -17.89 7.96 -2.56
CA THR A 12 -16.97 7.01 -3.17
C THR A 12 -17.75 5.92 -3.86
N MET A 13 -18.72 5.38 -3.13
CA MET A 13 -19.60 4.34 -3.66
C MET A 13 -20.36 4.77 -4.90
N LYS A 14 -20.81 6.02 -4.90
CA LYS A 14 -21.56 6.56 -6.02
C LYS A 14 -20.65 6.98 -7.16
N ASN A 15 -19.33 6.92 -6.96
CA ASN A 15 -18.40 7.44 -7.97
C ASN A 15 -18.17 6.50 -9.16
N PRO A 16 -18.58 6.95 -10.36
CA PRO A 16 -18.47 6.18 -11.58
C PRO A 16 -17.05 6.12 -12.18
N SER A 17 -16.09 6.84 -11.58
CA SER A 17 -14.69 6.78 -12.01
C SER A 17 -13.97 5.68 -11.26
N ILE A 18 -14.61 5.23 -10.18
CA ILE A 18 -14.10 4.16 -9.36
C ILE A 18 -14.82 2.87 -9.71
N VAL A 19 -14.07 1.83 -10.03
CA VAL A 19 -14.68 0.58 -10.50
C VAL A 19 -14.71 -0.47 -9.40
N GLY A 20 -14.10 -0.17 -8.27
CA GLY A 20 -14.18 -1.10 -7.15
C GLY A 20 -13.91 -0.39 -5.85
N VAL A 21 -14.59 -0.78 -4.79
CA VAL A 21 -14.29 -0.25 -3.47
C VAL A 21 -14.53 -1.32 -2.41
N LEU A 22 -13.73 -1.29 -1.36
CA LEU A 22 -13.87 -2.23 -0.25
C LEU A 22 -13.49 -1.56 1.07
N CYS A 23 -14.38 -1.66 2.05
CA CYS A 23 -14.10 -1.20 3.40
C CYS A 23 -13.79 -2.36 4.31
N THR A 24 -12.86 -2.17 5.23
CA THR A 24 -12.59 -3.18 6.25
C THR A 24 -11.99 -2.63 7.56
N ASP A 25 -11.58 -3.54 8.42
CA ASP A 25 -11.14 -3.23 9.76
C ASP A 25 -9.74 -3.76 9.95
N SER A 26 -9.14 -3.47 11.10
CA SER A 26 -7.96 -4.20 11.51
C SER A 26 -8.29 -5.69 11.62
N GLN A 27 -9.57 -6.00 11.76
CA GLN A 27 -10.01 -7.39 11.94
C GLN A 27 -10.21 -8.15 10.63
N GLY A 28 -10.07 -7.46 9.51
CA GLY A 28 -10.05 -8.08 8.20
C GLY A 28 -11.39 -8.59 7.70
N LEU A 29 -12.46 -8.14 8.34
CA LEU A 29 -13.81 -8.50 7.91
C LEU A 29 -14.20 -7.65 6.72
N ASN A 30 -15.01 -8.18 5.82
CA ASN A 30 -15.56 -7.36 4.77
C ASN A 30 -16.65 -6.44 5.29
N LEU A 31 -16.40 -5.14 5.20
CA LEU A 31 -17.28 -4.13 5.76
C LEU A 31 -18.03 -3.36 4.70
N GLY A 32 -18.00 -3.88 3.48
CA GLY A 32 -18.75 -3.30 2.39
C GLY A 32 -17.95 -3.11 1.14
N CYS A 33 -18.31 -3.83 0.10
CA CYS A 33 -17.61 -3.74 -1.15
C CYS A 33 -18.53 -3.44 -2.31
N ARG A 34 -17.95 -3.27 -3.49
CA ARG A 34 -18.67 -2.80 -4.64
C ARG A 34 -17.75 -3.08 -5.81
N GLY A 35 -18.32 -3.55 -6.92
CA GLY A 35 -17.57 -3.78 -8.15
C GLY A 35 -16.43 -4.76 -8.06
N THR A 36 -15.30 -4.41 -8.67
CA THR A 36 -14.15 -5.31 -8.83
C THR A 36 -13.52 -5.79 -7.52
N LEU A 37 -13.77 -5.11 -6.40
CA LEU A 37 -13.31 -5.61 -5.11
C LEU A 37 -14.42 -6.37 -4.37
N SER A 38 -14.04 -7.48 -3.73
CA SER A 38 -15.01 -8.36 -3.09
C SER A 38 -14.40 -8.97 -1.84
N ASP A 39 -15.13 -9.89 -1.20
CA ASP A 39 -14.77 -10.39 0.13
C ASP A 39 -13.36 -10.95 0.18
N GLU A 40 -12.98 -11.63 -0.89
CA GLU A 40 -11.65 -12.19 -1.08
C GLU A 40 -10.53 -11.22 -0.74
N HIS A 41 -10.70 -9.94 -1.06
CA HIS A 41 -9.64 -8.93 -0.89
C HIS A 41 -9.58 -8.30 0.49
N ALA A 42 -10.62 -8.48 1.30
CA ALA A 42 -10.71 -7.88 2.62
C ALA A 42 -9.43 -8.06 3.42
N GLY A 43 -9.13 -9.31 3.75
CA GLY A 43 -7.93 -9.65 4.51
C GLY A 43 -6.72 -8.88 4.04
N VAL A 44 -6.37 -9.02 2.76
CA VAL A 44 -5.13 -8.44 2.27
C VAL A 44 -5.12 -6.93 2.45
N ILE A 45 -6.17 -6.25 2.02
CA ILE A 45 -6.26 -4.79 2.14
C ILE A 45 -6.08 -4.38 3.59
N SER A 46 -6.81 -5.06 4.47
CA SER A 46 -6.65 -4.88 5.90
C SER A 46 -5.18 -4.92 6.28
N VAL A 47 -4.54 -6.06 6.01
CA VAL A 47 -3.12 -6.23 6.33
C VAL A 47 -2.31 -5.08 5.80
N LEU A 48 -2.45 -4.81 4.51
CA LEU A 48 -1.71 -3.72 3.85
C LEU A 48 -1.80 -2.45 4.67
N ALA A 49 -3.03 -2.01 4.93
CA ALA A 49 -3.25 -0.79 5.68
C ALA A 49 -2.54 -0.83 7.03
N GLN A 50 -2.76 -1.90 7.79
CA GLN A 50 -2.16 -2.00 9.12
C GLN A 50 -0.65 -1.90 9.03
N GLN A 51 -0.07 -2.57 8.03
CA GLN A 51 1.38 -2.57 7.85
C GLN A 51 1.90 -1.17 7.55
N ALA A 52 1.26 -0.46 6.62
CA ALA A 52 1.70 0.91 6.30
C ALA A 52 1.59 1.84 7.51
N ALA A 53 0.63 1.59 8.40
CA ALA A 53 0.46 2.45 9.56
C ALA A 53 1.62 2.25 10.55
N LYS A 54 2.34 1.15 10.40
CA LYS A 54 3.50 0.92 11.25
C LYS A 54 4.72 1.70 10.75
N LEU A 55 4.57 2.46 9.69
CA LEU A 55 5.71 3.22 9.14
C LEU A 55 5.67 4.68 9.52
N THR A 56 4.63 5.09 10.26
CA THR A 56 4.58 6.44 10.79
C THR A 56 4.25 6.39 12.28
N SER A 57 4.74 7.37 13.02
CA SER A 57 4.45 7.47 14.44
C SER A 57 3.50 8.62 14.73
N ASP A 58 3.23 9.42 13.70
CA ASP A 58 2.33 10.55 13.81
C ASP A 58 0.86 10.09 13.77
N PRO A 59 0.13 10.21 14.89
CA PRO A 59 -1.24 9.73 14.88
C PRO A 59 -2.15 10.58 13.98
N THR A 60 -1.66 11.72 13.50
CA THR A 60 -2.48 12.57 12.63
C THR A 60 -2.31 12.19 11.17
N ASP A 61 -1.36 11.31 10.88
CA ASP A 61 -1.15 10.81 9.53
C ASP A 61 -2.26 9.85 9.12
N ILE A 62 -2.72 9.97 7.89
CA ILE A 62 -3.56 8.93 7.29
C ILE A 62 -2.73 8.22 6.25
N PRO A 63 -2.07 7.12 6.65
CA PRO A 63 -1.19 6.43 5.71
C PRO A 63 -1.99 6.01 4.48
N VAL A 64 -1.34 6.01 3.32
CA VAL A 64 -1.99 5.63 2.08
C VAL A 64 -1.11 4.69 1.28
N VAL A 65 -1.60 3.50 0.97
CA VAL A 65 -0.88 2.55 0.13
C VAL A 65 -1.40 2.61 -1.30
N CYS A 66 -0.51 2.79 -2.26
CA CYS A 66 -0.94 3.01 -3.63
C CYS A 66 -0.25 2.08 -4.61
N LEU A 67 -0.95 1.03 -5.02
CA LEU A 67 -0.49 0.12 -6.06
C LEU A 67 -0.80 0.66 -7.44
N GLU A 68 0.21 1.15 -8.13
CA GLU A 68 0.00 1.67 -9.48
C GLU A 68 0.18 0.54 -10.46
N SER A 69 -0.79 0.36 -11.34
CA SER A 69 -0.81 -0.79 -12.22
C SER A 69 -1.44 -0.42 -13.55
N ASP A 70 -1.04 -1.11 -14.60
CA ASP A 70 -1.58 -0.85 -15.93
C ASP A 70 -3.04 -1.27 -15.99
N ASN A 71 -3.43 -2.15 -15.08
CA ASN A 71 -4.81 -2.57 -14.98
C ASN A 71 -5.57 -1.76 -13.92
N GLY A 72 -5.34 -0.46 -13.92
CA GLY A 72 -5.99 0.42 -12.96
C GLY A 72 -5.23 0.50 -11.65
N ASN A 73 -5.43 1.58 -10.92
CA ASN A 73 -4.72 1.82 -9.66
C ASN A 73 -5.53 1.41 -8.45
N ILE A 74 -4.85 1.03 -7.39
CA ILE A 74 -5.51 0.71 -6.11
C ILE A 74 -4.96 1.58 -4.99
N MET A 75 -5.86 2.29 -4.32
CA MET A 75 -5.48 3.26 -3.30
C MET A 75 -6.11 2.83 -1.98
N ILE A 76 -5.30 2.63 -0.96
CA ILE A 76 -5.77 2.15 0.34
C ILE A 76 -5.46 3.12 1.44
N GLN A 77 -6.47 3.73 2.03
CA GLN A 77 -6.23 4.64 3.12
C GLN A 77 -6.57 3.99 4.43
N LYS A 78 -5.70 4.17 5.40
CA LYS A 78 -5.95 3.70 6.75
C LYS A 78 -6.53 4.85 7.56
N HIS A 79 -7.83 4.77 7.83
CA HIS A 79 -8.48 5.72 8.72
C HIS A 79 -8.66 5.06 10.08
N ASP A 80 -9.07 5.86 11.07
CA ASP A 80 -9.23 5.41 12.44
C ASP A 80 -10.57 4.70 12.61
N GLY A 81 -10.50 3.37 12.68
CA GLY A 81 -11.70 2.55 12.82
C GLY A 81 -12.14 1.92 11.51
N ILE A 82 -11.48 2.25 10.41
CA ILE A 82 -11.91 1.80 9.09
C ILE A 82 -10.79 1.95 8.05
N THR A 83 -10.75 1.03 7.10
CA THR A 83 -9.78 1.04 6.02
C THR A 83 -10.52 1.08 4.71
N VAL A 84 -10.23 2.06 3.87
CA VAL A 84 -10.92 2.13 2.58
C VAL A 84 -9.98 1.81 1.46
N ALA A 85 -10.42 0.93 0.58
CA ALA A 85 -9.67 0.58 -0.60
C ALA A 85 -10.48 0.96 -1.82
N VAL A 86 -9.81 1.47 -2.84
CA VAL A 86 -10.47 2.02 -4.01
C VAL A 86 -9.73 1.57 -5.26
N HIS A 87 -10.47 1.03 -6.21
CA HIS A 87 -9.90 0.65 -7.50
C HIS A 87 -10.38 1.57 -8.58
N LYS A 88 -9.43 2.34 -9.13
CA LYS A 88 -9.66 3.32 -10.21
C LYS A 88 -9.19 2.78 -11.54
N MET A 89 -10.09 2.60 -12.49
CA MET A 89 -9.67 2.20 -13.84
C MET A 89 -9.07 3.41 -14.55
N ALA A 90 -7.87 3.81 -14.13
CA ALA A 90 -7.20 4.98 -14.65
C ALA A 90 -6.18 4.59 -15.72
N ASP B 16 12.86 16.35 -2.83
CA ASP B 16 13.88 15.46 -3.41
C ASP B 16 14.04 14.21 -2.53
N GLN B 17 15.20 13.56 -2.65
CA GLN B 17 15.47 12.29 -1.97
C GLN B 17 15.88 12.47 -0.51
N LEU B 18 15.14 11.82 0.37
CA LEU B 18 15.38 11.86 1.82
C LEU B 18 16.17 10.63 2.30
N GLY B 19 16.26 9.63 1.43
CA GLY B 19 16.88 8.36 1.79
C GLY B 19 16.63 7.26 0.78
N TYR B 20 17.39 6.18 0.91
CA TYR B 20 17.35 5.10 -0.04
C TYR B 20 17.48 3.76 0.67
N LEU B 21 16.81 2.76 0.14
CA LEU B 21 16.92 1.41 0.66
C LEU B 21 16.80 0.44 -0.48
N VAL B 22 17.67 -0.57 -0.52
CA VAL B 22 17.48 -1.66 -1.46
C VAL B 22 17.72 -2.99 -0.78
N LEU B 23 16.77 -3.91 -0.99
CA LEU B 23 16.76 -5.21 -0.35
C LEU B 23 16.96 -6.31 -1.37
N SER B 24 17.41 -7.44 -0.89
CA SER B 24 17.67 -8.59 -1.75
C SER B 24 17.29 -9.85 -1.00
N GLU B 25 16.50 -10.72 -1.64
CA GLU B 25 16.13 -12.01 -1.08
C GLU B 25 15.45 -11.86 0.29
N GLY B 26 15.09 -10.62 0.64
CA GLY B 26 14.53 -10.32 1.96
C GLY B 26 15.50 -9.58 2.87
N ALA B 27 16.80 -9.73 2.62
CA ALA B 27 17.85 -9.07 3.40
C ALA B 27 18.15 -7.69 2.86
N VAL B 28 18.88 -6.89 3.61
CA VAL B 28 19.19 -5.53 3.18
C VAL B 28 20.53 -5.53 2.45
N LEU B 29 20.56 -4.88 1.29
CA LEU B 29 21.75 -4.88 0.45
C LEU B 29 22.44 -3.55 0.53
N ALA B 30 21.66 -2.47 0.53
CA ALA B 30 22.21 -1.13 0.56
C ALA B 30 21.24 -0.15 1.21
N SER B 31 21.77 0.89 1.86
CA SER B 31 20.93 1.92 2.48
C SER B 31 21.61 3.27 2.61
N SER B 32 20.82 4.33 2.51
CA SER B 32 21.31 5.70 2.61
C SER B 32 20.25 6.59 3.26
N GLY B 33 20.67 7.72 3.81
CA GLY B 33 19.75 8.69 4.38
C GLY B 33 18.99 8.21 5.59
N ASP B 34 17.72 8.61 5.69
CA ASP B 34 16.86 8.27 6.82
C ASP B 34 16.66 6.75 6.95
N LEU B 35 16.88 6.03 5.85
CA LEU B 35 16.59 4.60 5.78
C LEU B 35 17.78 3.73 6.20
N GLU B 36 18.92 4.37 6.42
CA GLU B 36 20.15 3.68 6.78
C GLU B 36 20.23 3.37 8.26
N ASN B 37 20.67 2.15 8.59
CA ASN B 37 20.77 1.67 9.96
C ASN B 37 19.42 1.63 10.66
N ASP B 38 18.38 1.34 9.89
CA ASP B 38 17.04 1.22 10.45
C ASP B 38 16.43 -0.13 10.12
N GLU B 39 16.79 -1.15 10.89
CA GLU B 39 16.29 -2.50 10.68
C GLU B 39 14.76 -2.56 10.74
N GLN B 40 14.18 -1.89 11.73
CA GLN B 40 12.73 -1.95 11.98
C GLN B 40 11.94 -1.48 10.77
N ALA B 41 12.41 -0.38 10.17
CA ALA B 41 11.82 0.13 8.93
C ALA B 41 12.04 -0.87 7.79
N ALA B 42 13.27 -1.35 7.65
CA ALA B 42 13.63 -2.29 6.58
C ALA B 42 12.69 -3.48 6.53
N SER B 43 12.54 -4.17 7.65
CA SER B 43 11.69 -5.35 7.69
C SER B 43 10.21 -4.99 7.55
N ALA B 44 9.82 -3.82 8.05
CA ALA B 44 8.44 -3.36 7.89
C ALA B 44 8.09 -3.15 6.42
N ILE B 45 8.98 -2.48 5.70
CA ILE B 45 8.81 -2.24 4.28
C ILE B 45 8.85 -3.56 3.53
N SER B 46 9.75 -4.45 3.92
CA SER B 46 9.82 -5.76 3.26
C SER B 46 8.51 -6.52 3.41
N GLU B 47 7.98 -6.56 4.64
CA GLU B 47 6.70 -7.20 4.93
C GLU B 47 5.60 -6.68 4.04
N LEU B 48 5.52 -5.36 3.97
CA LEU B 48 4.49 -4.68 3.20
C LEU B 48 4.61 -5.08 1.74
N VAL B 49 5.80 -4.91 1.19
CA VAL B 49 6.03 -5.20 -0.22
C VAL B 49 5.61 -6.63 -0.54
N SER B 50 6.00 -7.58 0.31
CA SER B 50 5.64 -8.98 0.10
C SER B 50 4.14 -9.17 0.07
N THR B 51 3.46 -8.56 1.03
CA THR B 51 2.00 -8.61 1.10
C THR B 51 1.41 -8.07 -0.19
N ALA B 52 1.95 -6.93 -0.64
CA ALA B 52 1.44 -6.22 -1.80
C ALA B 52 1.61 -7.05 -3.06
N CYS B 53 2.79 -7.65 -3.18
CA CYS B 53 3.09 -8.55 -4.29
C CYS B 53 2.15 -9.75 -4.30
N GLY B 54 1.60 -10.10 -3.15
CA GLY B 54 0.66 -11.21 -3.09
C GLY B 54 -0.75 -10.78 -3.41
N PHE B 55 -0.92 -9.62 -4.04
CA PHE B 55 -2.26 -9.13 -4.32
C PHE B 55 -2.71 -9.41 -5.74
N ARG B 56 -3.78 -10.18 -5.85
CA ARG B 56 -4.38 -10.53 -7.12
C ARG B 56 -5.74 -9.86 -7.24
N LEU B 57 -5.92 -9.04 -8.27
CA LEU B 57 -7.24 -8.50 -8.52
C LEU B 57 -8.15 -9.65 -8.93
N HIS B 58 -7.79 -10.32 -10.03
CA HIS B 58 -8.50 -11.51 -10.47
C HIS B 58 -7.60 -12.72 -10.34
N ARG B 59 -8.11 -13.90 -10.70
CA ARG B 59 -7.30 -15.11 -10.73
C ARG B 59 -6.26 -15.01 -11.83
N GLY B 60 -5.03 -15.41 -11.51
CA GLY B 60 -3.92 -15.35 -12.46
C GLY B 60 -3.69 -13.95 -12.95
N MET B 61 -3.75 -12.99 -12.03
CA MET B 61 -3.53 -11.59 -12.37
C MET B 61 -2.18 -11.14 -11.82
N ASN B 62 -1.19 -11.14 -12.71
CA ASN B 62 0.15 -10.68 -12.37
C ASN B 62 0.58 -9.65 -13.42
N VAL B 63 1.45 -8.71 -13.05
CA VAL B 63 1.90 -8.51 -11.67
C VAL B 63 0.92 -7.62 -10.94
N PRO B 64 0.87 -7.68 -9.59
CA PRO B 64 -0.08 -6.85 -8.85
C PRO B 64 0.11 -5.37 -9.17
N PHE B 65 1.37 -4.94 -9.25
CA PHE B 65 1.70 -3.53 -9.43
C PHE B 65 3.00 -3.33 -10.20
N LYS B 66 3.12 -2.20 -10.90
CA LYS B 66 4.40 -1.79 -11.46
C LYS B 66 5.12 -0.91 -10.46
N ARG B 67 4.35 -0.15 -9.70
CA ARG B 67 4.90 0.79 -8.74
C ARG B 67 4.11 0.71 -7.45
N LEU B 68 4.80 0.76 -6.31
CA LEU B 68 4.13 0.77 -5.01
C LEU B 68 4.52 1.98 -4.21
N SER B 69 3.55 2.75 -3.73
CA SER B 69 3.84 3.94 -2.93
C SER B 69 3.15 3.89 -1.58
N VAL B 70 3.77 4.53 -0.59
CA VAL B 70 3.17 4.72 0.72
C VAL B 70 3.35 6.17 1.14
N VAL B 71 2.28 6.95 1.11
CA VAL B 71 2.40 8.39 1.32
C VAL B 71 1.86 8.82 2.69
N PHE B 72 2.58 9.75 3.32
CA PHE B 72 2.16 10.31 4.60
C PHE B 72 2.02 11.82 4.52
N GLY B 73 2.19 12.49 5.65
CA GLY B 73 2.11 13.94 5.68
C GLY B 73 3.23 14.56 4.85
N GLU B 74 4.45 14.35 5.29
CA GLU B 74 5.61 14.98 4.66
C GLU B 74 6.45 13.98 3.87
N HIS B 75 6.63 12.80 4.46
CA HIS B 75 7.39 11.74 3.82
C HIS B 75 6.50 11.01 2.85
N THR B 76 7.12 10.29 1.92
CA THR B 76 6.42 9.33 1.06
C THR B 76 7.41 8.34 0.46
N LEU B 77 7.11 7.05 0.63
CA LEU B 77 7.98 5.98 0.13
C LEU B 77 7.55 5.54 -1.25
N LEU B 78 8.54 5.35 -2.13
CA LEU B 78 8.28 4.89 -3.50
C LEU B 78 9.10 3.64 -3.77
N VAL B 79 8.41 2.57 -4.10
CA VAL B 79 8.99 1.24 -4.21
C VAL B 79 8.76 0.66 -5.60
N THR B 80 9.80 0.08 -6.19
CA THR B 80 9.61 -0.84 -7.31
C THR B 80 10.35 -2.13 -7.02
N VAL B 81 9.91 -3.18 -7.70
CA VAL B 81 10.41 -4.51 -7.45
C VAL B 81 10.90 -5.09 -8.75
N SER B 82 12.08 -5.71 -8.71
CA SER B 82 12.68 -6.30 -9.89
C SER B 82 13.44 -7.55 -9.46
N GLY B 83 12.90 -8.71 -9.81
CA GLY B 83 13.45 -9.97 -9.33
C GLY B 83 13.27 -10.10 -7.83
N GLN B 84 14.36 -10.42 -7.14
CA GLN B 84 14.35 -10.52 -5.68
C GLN B 84 14.89 -9.23 -5.08
N ARG B 85 15.17 -8.27 -5.96
CA ARG B 85 15.69 -6.98 -5.55
C ARG B 85 14.57 -5.96 -5.43
N VAL B 86 14.53 -5.27 -4.29
CA VAL B 86 13.49 -4.28 -4.04
C VAL B 86 14.12 -2.91 -3.81
N PHE B 87 13.62 -1.91 -4.52
CA PHE B 87 14.16 -0.55 -4.46
C PHE B 87 13.18 0.43 -3.85
N VAL B 88 13.64 1.15 -2.84
CA VAL B 88 12.83 2.11 -2.10
C VAL B 88 13.50 3.47 -2.01
N VAL B 89 12.74 4.53 -2.21
CA VAL B 89 13.17 5.90 -1.89
C VAL B 89 12.23 6.57 -0.91
N LYS B 90 12.79 7.44 -0.07
CA LYS B 90 12.00 8.32 0.78
C LYS B 90 11.99 9.72 0.14
N ARG B 91 10.81 10.33 0.02
CA ARG B 91 10.70 11.65 -0.59
C ARG B 91 9.92 12.64 0.24
N GLN B 92 10.19 13.92 0.04
CA GLN B 92 9.41 14.99 0.65
C GLN B 92 8.17 15.27 -0.20
N ASN B 93 7.12 15.77 0.45
CA ASN B 93 5.78 15.90 -0.12
C ASN B 93 5.10 14.55 -0.29
S SO4 C . -8.14 0.26 13.06
O1 SO4 C . -8.68 1.58 13.42
O2 SO4 C . -8.05 0.15 11.60
O3 SO4 C . -6.81 0.13 13.68
O4 SO4 C . -9.04 -0.79 13.58
S SO4 D . -20.97 3.34 -10.21
O1 SO4 D . -21.73 3.11 -8.96
O2 SO4 D . -21.40 2.38 -11.24
O3 SO4 D . -21.20 4.71 -10.69
O4 SO4 D . -19.54 3.16 -9.94
S SO4 E . 9.88 -12.80 -8.08
O1 SO4 E . 11.12 -13.52 -7.84
O2 SO4 E . 9.93 -11.35 -8.20
O3 SO4 E . 8.76 -13.26 -7.22
O4 SO4 E . 9.48 -13.22 -9.44
#